data_6RJ3
#
_entry.id   6RJ3
#
_cell.length_a   43.282
_cell.length_b   111.967
_cell.length_c   65.814
_cell.angle_alpha   90.00
_cell.angle_beta   94.59
_cell.angle_gamma   90.00
#
_symmetry.space_group_name_H-M   'P 1 21 1'
#
loop_
_entity.id
_entity.type
_entity.pdbx_description
1 polymer 'D-3-phosphoglycerate dehydrogenase'
2 non-polymer 'SULFATE ION'
3 non-polymer '4-[(1~{R})-1-[(2-methyl-5-phenyl-pyrazol-3-yl)carbonylamino]ethyl]benzoic acid'
4 water water
#
_entity_poly.entity_id   1
_entity_poly.type   'polypeptide(L)'
_entity_poly.pdbx_seq_one_letter_code
;SMANLRKVLISDSLDPCCRKILQDGGLQVVEKQNLSKEELIAELQDCEGLIVRSATKVTADVINAAEKLQVVGRAGTGVD
NVDLEAATRKGILVMNTPNGNSLSAAELTCGMIMCLARQIPQATASMKDGKWERKKFMGTELNGKTLGILGLGRIGREVA
TRMQSFGMKTIGYDPIISPEVSASFGVQQLPLEEIWPLCDFITVHTPLLPSTTGLLNDNTFAQCKKGVRVVNCARGGIVD
EGALLRALQSGQCAGAALDVFTEEPPRDRALVDHENVISCPHLGASTKEAQSRCGEEIAVQFVDMVKGKSLTGV
;
_entity_poly.pdbx_strand_id   A,B
#
# COMPACT_ATOMS: atom_id res chain seq x y z
N ARG A 6 20.29 33.37 22.26
CA ARG A 6 19.80 34.69 21.91
C ARG A 6 19.39 34.81 20.44
N LYS A 7 20.22 34.30 19.50
CA LYS A 7 19.97 34.41 18.05
C LYS A 7 20.12 33.08 17.33
N VAL A 8 19.11 32.74 16.49
CA VAL A 8 19.13 31.50 15.73
C VAL A 8 18.99 31.77 14.24
N LEU A 9 19.79 31.05 13.43
CA LEU A 9 19.72 31.07 11.98
C LEU A 9 19.00 29.80 11.51
N ILE A 10 17.94 29.97 10.71
CA ILE A 10 17.19 28.90 10.07
C ILE A 10 17.76 28.95 8.66
N SER A 11 18.54 27.94 8.24
CA SER A 11 19.22 28.01 6.95
C SER A 11 18.59 27.15 5.86
N ASP A 12 17.57 26.36 6.20
CA ASP A 12 16.86 25.56 5.20
C ASP A 12 15.38 25.99 5.12
N SER A 13 14.58 25.39 4.23
CA SER A 13 13.17 25.78 4.10
C SER A 13 12.36 25.14 5.22
N LEU A 14 11.96 25.96 6.21
CA LEU A 14 11.19 25.50 7.36
C LEU A 14 9.79 26.10 7.34
N ASP A 15 8.82 25.36 7.93
CA ASP A 15 7.43 25.82 8.08
C ASP A 15 7.46 27.06 9.01
N PRO A 16 6.63 28.10 8.76
CA PRO A 16 6.67 29.32 9.61
C PRO A 16 6.54 29.12 11.13
N CYS A 17 5.95 27.98 11.54
CA CYS A 17 5.75 27.62 12.95
C CYS A 17 7.07 27.54 13.73
N CYS A 18 8.17 27.15 13.05
CA CYS A 18 9.50 27.06 13.65
C CYS A 18 9.92 28.42 14.20
N ARG A 19 9.95 29.45 13.33
CA ARG A 19 10.32 30.82 13.67
C ARG A 19 9.41 31.40 14.76
N LYS A 20 8.07 31.22 14.65
CA LYS A 20 7.13 31.79 15.63
C LYS A 20 7.32 31.20 17.04
N ILE A 21 7.57 29.87 17.17
CA ILE A 21 7.82 29.24 18.48
C ILE A 21 9.12 29.80 19.08
N LEU A 22 10.17 29.96 18.25
CA LEU A 22 11.47 30.52 18.68
C LEU A 22 11.29 31.98 19.11
N GLN A 23 10.51 32.77 18.35
CA GLN A 23 10.23 34.18 18.63
C GLN A 23 9.38 34.36 19.88
N ASP A 24 8.42 33.44 20.13
CA ASP A 24 7.58 33.47 21.34
C ASP A 24 8.43 33.17 22.60
N GLY A 25 9.53 32.44 22.40
CA GLY A 25 10.49 32.09 23.44
C GLY A 25 11.56 33.15 23.68
N GLY A 26 11.40 34.30 23.03
CA GLY A 26 12.30 35.45 23.16
C GLY A 26 13.49 35.49 22.22
N LEU A 27 13.65 34.49 21.35
CA LEU A 27 14.79 34.43 20.43
C LEU A 27 14.62 35.26 19.16
N GLN A 28 15.72 35.84 18.68
CA GLN A 28 15.81 36.60 17.43
C GLN A 28 16.04 35.55 16.35
N VAL A 29 15.29 35.62 15.24
CA VAL A 29 15.37 34.62 14.17
C VAL A 29 15.67 35.22 12.79
N VAL A 30 16.69 34.67 12.11
CA VAL A 30 17.06 35.03 10.74
C VAL A 30 16.78 33.80 9.87
N GLU A 31 15.92 33.97 8.87
CA GLU A 31 15.55 32.91 7.94
C GLU A 31 16.10 33.20 6.57
N LYS A 32 16.98 32.32 6.08
CA LYS A 32 17.55 32.39 4.74
C LYS A 32 17.62 30.98 4.18
N GLN A 33 17.73 30.85 2.85
CA GLN A 33 17.78 29.55 2.20
C GLN A 33 18.91 29.50 1.20
N ASN A 34 19.52 28.31 1.06
CA ASN A 34 20.59 28.00 0.12
C ASN A 34 21.72 29.02 0.11
N LEU A 35 22.21 29.36 1.31
CA LEU A 35 23.33 30.28 1.45
C LEU A 35 24.57 29.54 0.98
N SER A 36 25.54 30.26 0.42
CA SER A 36 26.81 29.66 0.03
C SER A 36 27.56 29.41 1.34
N LYS A 37 28.67 28.65 1.31
CA LYS A 37 29.48 28.39 2.50
C LYS A 37 29.89 29.73 3.16
N GLU A 38 30.33 30.72 2.34
CA GLU A 38 30.74 32.05 2.81
C GLU A 38 29.58 32.83 3.46
N GLU A 39 28.39 32.82 2.83
CA GLU A 39 27.19 33.49 3.36
C GLU A 39 26.72 32.84 4.65
N LEU A 40 26.77 31.50 4.72
CA LEU A 40 26.39 30.72 5.90
C LEU A 40 27.28 31.12 7.09
N ILE A 41 28.62 31.12 6.89
CA ILE A 41 29.60 31.51 7.90
C ILE A 41 29.34 32.95 8.34
N ALA A 42 29.09 33.86 7.38
CA ALA A 42 28.85 35.28 7.63
C ALA A 42 27.61 35.52 8.49
N GLU A 43 26.50 34.80 8.21
CA GLU A 43 25.25 34.93 8.96
C GLU A 43 25.40 34.40 10.39
N LEU A 44 26.18 33.32 10.56
CA LEU A 44 26.39 32.62 11.81
C LEU A 44 27.29 33.32 12.83
N GLN A 45 28.01 34.38 12.43
CA GLN A 45 28.94 35.06 13.33
C GLN A 45 28.33 35.47 14.68
N ASP A 46 27.09 36.00 14.67
CA ASP A 46 26.41 36.40 15.90
C ASP A 46 25.24 35.47 16.27
N CYS A 47 25.30 34.19 15.82
CA CYS A 47 24.29 33.19 16.09
C CYS A 47 24.79 32.14 17.08
N GLU A 48 24.01 31.89 18.14
CA GLU A 48 24.35 30.82 19.08
C GLU A 48 23.64 29.54 18.63
N GLY A 49 22.63 29.68 17.78
CA GLY A 49 21.87 28.56 17.26
C GLY A 49 21.76 28.44 15.76
N LEU A 50 21.67 27.20 15.25
CA LEU A 50 21.51 26.93 13.82
C LEU A 50 20.50 25.78 13.58
N ILE A 51 19.46 26.03 12.75
CA ILE A 51 18.46 25.01 12.43
C ILE A 51 18.55 24.69 10.95
N VAL A 52 18.67 23.41 10.64
CA VAL A 52 18.81 22.87 9.29
C VAL A 52 17.86 21.70 9.04
N ARG A 53 17.74 21.32 7.78
CA ARG A 53 17.04 20.10 7.35
C ARG A 53 18.15 19.21 6.76
N SER A 54 18.15 18.89 5.45
CA SER A 54 19.25 18.10 4.89
C SER A 54 20.15 18.89 3.94
N ALA A 55 19.63 20.00 3.38
CA ALA A 55 20.33 20.82 2.38
C ALA A 55 21.57 21.54 2.90
N THR A 56 21.53 22.14 4.10
CA THR A 56 22.70 22.85 4.65
C THR A 56 23.76 21.85 5.12
N LYS A 57 25.01 22.05 4.69
CA LYS A 57 26.13 21.20 5.07
C LYS A 57 26.90 21.86 6.22
N VAL A 58 26.70 21.32 7.45
CA VAL A 58 27.33 21.81 8.68
C VAL A 58 28.68 21.07 8.86
N THR A 59 29.66 21.49 8.03
CA THR A 59 31.00 20.91 7.96
C THR A 59 31.90 21.42 9.09
N ALA A 60 33.12 20.84 9.19
CA ALA A 60 34.16 21.23 10.16
C ALA A 60 34.51 22.72 9.98
N ASP A 61 34.64 23.15 8.71
CA ASP A 61 34.95 24.53 8.34
C ASP A 61 33.92 25.55 8.83
N VAL A 62 32.62 25.20 8.77
CA VAL A 62 31.53 26.08 9.20
C VAL A 62 31.51 26.24 10.74
N ILE A 63 31.54 25.11 11.47
CA ILE A 63 31.56 25.04 12.95
C ILE A 63 32.76 25.82 13.54
N ASN A 64 33.95 25.60 12.97
CA ASN A 64 35.21 26.23 13.41
C ASN A 64 35.24 27.74 13.16
N ALA A 65 34.43 28.20 12.20
CA ALA A 65 34.31 29.62 11.86
C ALA A 65 33.21 30.30 12.68
N ALA A 66 32.26 29.50 13.23
CA ALA A 66 31.14 29.98 14.05
C ALA A 66 31.45 29.80 15.54
N GLU A 67 32.21 30.76 16.10
CA GLU A 67 32.69 30.77 17.48
C GLU A 67 31.60 30.88 18.57
N LYS A 68 30.46 31.56 18.27
CA LYS A 68 29.36 31.77 19.21
C LYS A 68 28.34 30.62 19.22
N LEU A 69 28.46 29.69 18.26
CA LEU A 69 27.55 28.56 18.10
C LEU A 69 27.57 27.60 19.29
N GLN A 70 26.37 27.26 19.81
CA GLN A 70 26.17 26.34 20.95
C GLN A 70 25.34 25.11 20.57
N VAL A 71 24.43 25.22 19.58
CA VAL A 71 23.59 24.07 19.20
C VAL A 71 23.22 24.11 17.71
N VAL A 72 23.26 22.92 17.09
CA VAL A 72 22.87 22.65 15.73
C VAL A 72 21.65 21.73 15.90
N GLY A 73 20.52 22.19 15.37
CA GLY A 73 19.28 21.46 15.42
C GLY A 73 18.81 21.04 14.06
N ARG A 74 18.54 19.74 13.88
CA ARG A 74 18.05 19.22 12.61
C ARG A 74 16.58 18.89 12.74
N ALA A 75 15.74 19.53 11.90
CA ALA A 75 14.32 19.27 11.82
C ALA A 75 14.16 18.04 10.93
N GLY A 76 14.26 16.88 11.56
CA GLY A 76 14.17 15.59 10.89
C GLY A 76 14.96 14.53 11.63
N THR A 77 15.26 13.42 10.94
CA THR A 77 15.94 12.28 11.56
C THR A 77 17.45 12.22 11.24
N GLY A 78 17.80 12.15 9.97
CA GLY A 78 19.18 12.02 9.49
C GLY A 78 20.07 13.20 9.74
N VAL A 79 21.28 12.95 10.29
CA VAL A 79 22.22 14.03 10.58
C VAL A 79 23.53 13.86 9.78
N ASP A 80 23.42 13.24 8.58
CA ASP A 80 24.56 13.01 7.66
C ASP A 80 25.17 14.32 7.15
N ASN A 81 24.36 15.40 7.13
CA ASN A 81 24.80 16.74 6.72
C ASN A 81 25.50 17.52 7.86
N VAL A 82 25.59 16.93 9.07
CA VAL A 82 26.25 17.58 10.20
C VAL A 82 27.52 16.81 10.58
N ASP A 83 28.64 17.52 10.76
CA ASP A 83 29.90 16.90 11.19
C ASP A 83 29.84 16.76 12.70
N LEU A 84 29.41 15.57 13.15
CA LEU A 84 29.27 15.24 14.57
C LEU A 84 30.60 15.29 15.29
N GLU A 85 31.69 14.84 14.61
CA GLU A 85 33.06 14.87 15.14
C GLU A 85 33.52 16.31 15.41
N ALA A 86 33.39 17.21 14.40
CA ALA A 86 33.75 18.63 14.51
C ALA A 86 32.93 19.37 15.55
N ALA A 87 31.61 19.08 15.64
CA ALA A 87 30.73 19.67 16.64
C ALA A 87 31.20 19.21 18.04
N THR A 88 31.44 17.90 18.23
CA THR A 88 31.94 17.37 19.50
C THR A 88 33.34 17.91 19.85
N ARG A 89 34.21 18.11 18.82
CA ARG A 89 35.56 18.69 18.96
C ARG A 89 35.50 20.09 19.61
N LYS A 90 34.44 20.88 19.29
CA LYS A 90 34.20 22.22 19.85
C LYS A 90 33.23 22.23 21.05
N GLY A 91 32.74 21.07 21.46
CA GLY A 91 31.82 20.97 22.58
C GLY A 91 30.40 21.40 22.27
N ILE A 92 30.00 21.27 20.99
CA ILE A 92 28.67 21.63 20.51
C ILE A 92 27.74 20.44 20.57
N LEU A 93 26.50 20.66 21.03
CA LEU A 93 25.50 19.61 21.06
C LEU A 93 24.69 19.63 19.76
N VAL A 94 24.40 18.43 19.24
CA VAL A 94 23.61 18.26 18.01
C VAL A 94 22.27 17.63 18.39
N MET A 95 21.16 18.31 18.06
CA MET A 95 19.78 17.89 18.36
C MET A 95 19.06 17.50 17.06
N ASN A 96 18.09 16.58 17.15
CA ASN A 96 17.25 16.17 16.01
C ASN A 96 15.82 15.87 16.50
N THR A 97 14.89 15.52 15.58
CA THR A 97 13.49 15.28 15.92
C THR A 97 12.96 13.96 15.31
N PRO A 98 13.47 12.77 15.70
CA PRO A 98 12.92 11.52 15.10
C PRO A 98 11.43 11.32 15.37
N ASN A 99 10.93 11.86 16.50
CA ASN A 99 9.50 11.75 16.85
C ASN A 99 8.57 12.36 15.81
N GLY A 100 8.94 13.52 15.27
CA GLY A 100 8.15 14.22 14.25
C GLY A 100 7.93 13.40 12.98
N ASN A 101 8.84 12.46 12.68
CA ASN A 101 8.75 11.60 11.49
C ASN A 101 8.11 10.22 11.74
N SER A 102 7.79 9.90 13.00
CA SER A 102 7.29 8.56 13.37
C SER A 102 6.09 8.10 12.59
N LEU A 103 5.04 8.92 12.54
CA LEU A 103 3.83 8.54 11.84
C LEU A 103 4.04 8.37 10.36
N SER A 104 4.71 9.31 9.70
CA SER A 104 4.92 9.20 8.27
C SER A 104 5.79 8.00 7.90
N ALA A 105 6.78 7.63 8.75
CA ALA A 105 7.63 6.46 8.50
C ALA A 105 6.83 5.17 8.71
N ALA A 106 6.00 5.15 9.78
CA ALA A 106 5.16 3.97 10.00
C ALA A 106 4.17 3.80 8.86
N GLU A 107 3.54 4.91 8.40
CA GLU A 107 2.57 4.79 7.32
C GLU A 107 3.20 4.27 6.04
N LEU A 108 4.41 4.77 5.69
CA LEU A 108 5.10 4.28 4.48
C LEU A 108 5.41 2.77 4.65
N THR A 109 5.88 2.37 5.86
CA THR A 109 6.19 0.95 6.08
C THR A 109 4.97 0.05 5.80
N CYS A 110 3.78 0.47 6.32
CA CYS A 110 2.55 -0.30 6.10
C CYS A 110 2.22 -0.34 4.60
N GLY A 111 2.37 0.79 3.90
CA GLY A 111 2.14 0.84 2.46
C GLY A 111 3.04 -0.14 1.74
N MET A 112 4.30 -0.22 2.19
CA MET A 112 5.27 -1.13 1.57
C MET A 112 4.85 -2.58 1.79
N ILE A 113 4.39 -2.91 3.03
CA ILE A 113 3.91 -4.28 3.28
C ILE A 113 2.77 -4.65 2.30
N MET A 114 1.78 -3.75 2.15
CA MET A 114 0.68 -3.97 1.22
C MET A 114 1.16 -4.12 -0.23
N CYS A 115 2.17 -3.34 -0.62
CA CYS A 115 2.77 -3.41 -1.96
C CYS A 115 3.49 -4.72 -2.20
N LEU A 116 4.10 -5.30 -1.15
CA LEU A 116 4.77 -6.58 -1.32
C LEU A 116 3.77 -7.72 -1.46
N ALA A 117 2.61 -7.60 -0.79
CA ALA A 117 1.62 -8.67 -0.88
C ALA A 117 0.93 -8.67 -2.25
N ARG A 118 0.77 -7.49 -2.90
CA ARG A 118 -0.01 -7.40 -4.12
C ARG A 118 0.73 -6.86 -5.36
N GLN A 119 1.99 -6.45 -5.22
CA GLN A 119 2.84 -5.94 -6.30
C GLN A 119 2.20 -4.78 -7.08
N ILE A 120 1.56 -3.84 -6.35
CA ILE A 120 0.93 -2.68 -6.96
C ILE A 120 1.92 -1.86 -7.79
N PRO A 121 3.15 -1.55 -7.29
CA PRO A 121 4.09 -0.76 -8.12
C PRO A 121 4.45 -1.44 -9.44
N GLN A 122 4.68 -2.77 -9.41
CA GLN A 122 5.04 -3.53 -10.64
C GLN A 122 3.82 -3.65 -11.57
N ALA A 123 2.61 -3.82 -10.99
CA ALA A 123 1.38 -3.91 -11.78
C ALA A 123 1.09 -2.58 -12.49
N THR A 124 1.36 -1.43 -11.81
CA THR A 124 1.17 -0.12 -12.44
C THR A 124 2.14 0.03 -13.62
N ALA A 125 3.42 -0.38 -13.42
CA ALA A 125 4.40 -0.28 -14.51
C ALA A 125 3.98 -1.13 -15.72
N SER A 126 3.44 -2.32 -15.43
CA SER A 126 2.97 -3.24 -16.48
C SER A 126 1.80 -2.59 -17.27
N MET A 127 0.84 -2.02 -16.53
CA MET A 127 -0.31 -1.36 -17.17
C MET A 127 0.16 -0.18 -18.01
N LYS A 128 1.12 0.61 -17.50
CA LYS A 128 1.63 1.77 -18.23
C LYS A 128 2.43 1.38 -19.48
N ASP A 129 2.88 0.12 -19.56
CA ASP A 129 3.54 -0.41 -20.75
C ASP A 129 2.51 -1.03 -21.73
N GLY A 130 1.22 -0.86 -21.42
CA GLY A 130 0.11 -1.34 -22.23
C GLY A 130 -0.23 -2.80 -22.04
N LYS A 131 0.32 -3.43 -20.99
CA LYS A 131 0.11 -4.85 -20.74
C LYS A 131 -1.08 -5.08 -19.82
N TRP A 132 -1.66 -6.30 -19.87
CA TRP A 132 -2.78 -6.68 -19.00
C TRP A 132 -2.40 -8.06 -18.51
N GLU A 133 -1.59 -8.12 -17.44
CA GLU A 133 -0.94 -9.32 -16.93
C GLU A 133 -1.60 -9.88 -15.67
N ARG A 134 -2.72 -10.54 -15.83
CA ARG A 134 -3.46 -11.07 -14.67
C ARG A 134 -2.64 -12.09 -13.87
N LYS A 135 -2.20 -13.17 -14.55
CA LYS A 135 -1.48 -14.28 -13.91
C LYS A 135 -0.19 -13.89 -13.22
N LYS A 136 0.61 -13.00 -13.85
CA LYS A 136 1.89 -12.56 -13.30
C LYS A 136 1.79 -11.93 -11.91
N PHE A 137 0.69 -11.20 -11.64
CA PHE A 137 0.56 -10.47 -10.40
C PHE A 137 -0.42 -11.07 -9.37
N MET A 138 -0.66 -12.40 -9.43
CA MET A 138 -1.38 -13.16 -8.40
C MET A 138 -0.56 -12.93 -7.09
N GLY A 139 -1.23 -12.50 -6.03
CA GLY A 139 -0.59 -12.14 -4.77
C GLY A 139 -1.06 -12.91 -3.57
N THR A 140 -0.91 -12.31 -2.39
CA THR A 140 -1.29 -12.96 -1.15
C THR A 140 -2.09 -12.04 -0.23
N GLU A 141 -2.88 -12.64 0.63
CA GLU A 141 -3.74 -11.95 1.58
C GLU A 141 -2.95 -11.78 2.87
N LEU A 142 -3.00 -10.59 3.48
CA LEU A 142 -2.30 -10.32 4.73
C LEU A 142 -2.99 -10.96 5.93
N ASN A 143 -4.33 -11.11 5.88
CA ASN A 143 -5.07 -11.68 6.99
C ASN A 143 -4.51 -13.03 7.39
N GLY A 144 -4.18 -13.19 8.66
CA GLY A 144 -3.65 -14.43 9.21
C GLY A 144 -2.16 -14.64 9.09
N LYS A 145 -1.47 -13.78 8.35
CA LYS A 145 -0.02 -13.91 8.18
C LYS A 145 0.73 -13.32 9.39
N THR A 146 1.97 -13.77 9.59
CA THR A 146 2.79 -13.29 10.69
C THR A 146 3.75 -12.21 10.23
N LEU A 147 3.74 -11.07 10.96
CA LEU A 147 4.64 -9.94 10.76
C LEU A 147 5.60 -9.90 11.96
N GLY A 148 6.89 -9.97 11.67
CA GLY A 148 7.95 -9.86 12.66
C GLY A 148 8.43 -8.42 12.64
N ILE A 149 8.39 -7.76 13.81
CA ILE A 149 8.77 -6.36 13.93
C ILE A 149 10.02 -6.32 14.81
N LEU A 150 11.16 -5.99 14.19
CA LEU A 150 12.44 -5.93 14.88
C LEU A 150 12.73 -4.48 15.20
N GLY A 151 12.52 -4.11 16.47
CA GLY A 151 12.62 -2.72 16.91
C GLY A 151 11.22 -2.31 17.29
N LEU A 152 10.99 -2.08 18.59
CA LEU A 152 9.66 -1.83 19.16
C LEU A 152 9.55 -0.49 19.88
N GLY A 153 10.22 0.49 19.30
CA GLY A 153 10.10 1.88 19.72
C GLY A 153 8.82 2.44 19.11
N ARG A 154 8.73 3.76 18.98
CA ARG A 154 7.50 4.35 18.48
C ARG A 154 7.09 3.88 17.08
N ILE A 155 8.04 3.80 16.13
CA ILE A 155 7.67 3.40 14.78
C ILE A 155 7.19 1.94 14.73
N GLY A 156 7.93 1.03 15.37
CA GLY A 156 7.52 -0.36 15.41
C GLY A 156 6.14 -0.52 16.00
N ARG A 157 5.86 0.21 17.10
CA ARG A 157 4.55 0.17 17.76
C ARG A 157 3.43 0.64 16.80
N GLU A 158 3.66 1.75 16.10
CA GLU A 158 2.65 2.29 15.17
C GLU A 158 2.40 1.32 13.99
N VAL A 159 3.44 0.68 13.51
CA VAL A 159 3.28 -0.32 12.44
C VAL A 159 2.45 -1.49 12.97
N ALA A 160 2.78 -1.96 14.19
CA ALA A 160 2.06 -3.06 14.77
C ALA A 160 0.55 -2.83 14.87
N THR A 161 0.13 -1.69 15.43
CA THR A 161 -1.31 -1.51 15.63
C THR A 161 -2.06 -1.35 14.31
N ARG A 162 -1.40 -0.77 13.30
CA ARG A 162 -2.05 -0.67 12.00
C ARG A 162 -2.18 -2.06 11.34
N MET A 163 -1.09 -2.86 11.37
CA MET A 163 -1.14 -4.15 10.72
C MET A 163 -2.00 -5.17 11.48
N GLN A 164 -2.21 -4.97 12.78
CA GLN A 164 -3.14 -5.81 13.52
C GLN A 164 -4.58 -5.65 12.95
N SER A 165 -4.94 -4.47 12.41
CA SER A 165 -6.29 -4.25 11.86
C SER A 165 -6.49 -5.06 10.57
N PHE A 166 -5.38 -5.53 9.97
CA PHE A 166 -5.42 -6.39 8.79
C PHE A 166 -5.48 -7.87 9.17
N GLY A 167 -5.49 -8.16 10.46
CA GLY A 167 -5.54 -9.54 10.91
C GLY A 167 -4.16 -10.18 10.90
N MET A 168 -3.08 -9.38 10.86
CA MET A 168 -1.74 -9.97 10.93
C MET A 168 -1.41 -10.27 12.38
N LYS A 169 -0.70 -11.37 12.60
CA LYS A 169 -0.17 -11.76 13.91
C LYS A 169 1.14 -10.99 14.04
N THR A 170 1.24 -10.11 15.05
CA THR A 170 2.43 -9.28 15.21
C THR A 170 3.30 -9.76 16.36
N ILE A 171 4.50 -10.22 16.01
CA ILE A 171 5.52 -10.72 16.94
C ILE A 171 6.76 -9.85 16.76
N GLY A 172 7.72 -9.94 17.66
CA GLY A 172 8.89 -9.10 17.49
C GLY A 172 9.91 -9.24 18.58
N TYR A 173 10.90 -8.34 18.56
CA TYR A 173 11.95 -8.34 19.55
C TYR A 173 12.56 -6.98 19.63
N ASP A 174 12.94 -6.58 20.85
CA ASP A 174 13.65 -5.35 21.08
C ASP A 174 14.37 -5.54 22.42
N PRO A 175 15.71 -5.38 22.47
CA PRO A 175 16.42 -5.62 23.74
C PRO A 175 16.24 -4.51 24.78
N ILE A 176 15.65 -3.37 24.38
CA ILE A 176 15.44 -2.22 25.27
C ILE A 176 13.99 -2.18 25.79
N ILE A 177 13.03 -2.57 24.95
CA ILE A 177 11.61 -2.54 25.30
C ILE A 177 11.20 -3.80 26.03
N SER A 178 10.57 -3.64 27.20
CA SER A 178 10.18 -4.79 27.99
C SER A 178 9.05 -5.59 27.33
N PRO A 179 8.94 -6.91 27.61
CA PRO A 179 7.83 -7.69 27.06
C PRO A 179 6.47 -7.15 27.54
N GLU A 180 6.43 -6.53 28.72
CA GLU A 180 5.18 -5.97 29.25
C GLU A 180 4.75 -4.75 28.45
N VAL A 181 5.70 -3.88 28.08
CA VAL A 181 5.38 -2.72 27.24
C VAL A 181 4.90 -3.19 25.85
N SER A 182 5.62 -4.12 25.19
CA SER A 182 5.16 -4.53 23.86
C SER A 182 3.82 -5.31 23.89
N ALA A 183 3.58 -6.08 24.98
CA ALA A 183 2.28 -6.78 25.12
C ALA A 183 1.11 -5.78 25.17
N SER A 184 1.38 -4.56 25.70
CA SER A 184 0.35 -3.51 25.81
C SER A 184 -0.11 -3.00 24.45
N PHE A 185 0.69 -3.24 23.39
CA PHE A 185 0.30 -2.88 22.04
C PHE A 185 0.24 -4.12 21.12
N GLY A 186 -0.02 -5.29 21.73
CA GLY A 186 -0.27 -6.54 21.04
C GLY A 186 0.89 -7.16 20.31
N VAL A 187 2.13 -6.89 20.74
CA VAL A 187 3.32 -7.48 20.15
C VAL A 187 3.94 -8.44 21.15
N GLN A 188 3.90 -9.74 20.84
CA GLN A 188 4.50 -10.79 21.66
C GLN A 188 5.99 -10.82 21.32
N GLN A 189 6.84 -10.63 22.32
CA GLN A 189 8.28 -10.73 22.11
C GLN A 189 8.73 -12.15 22.31
N LEU A 190 9.64 -12.59 21.44
CA LEU A 190 10.24 -13.91 21.50
C LEU A 190 11.74 -13.74 21.28
N PRO A 191 12.59 -14.67 21.74
CA PRO A 191 14.01 -14.54 21.41
C PRO A 191 14.18 -14.45 19.90
N LEU A 192 15.12 -13.61 19.49
CA LEU A 192 15.37 -13.32 18.09
C LEU A 192 15.48 -14.56 17.21
N GLU A 193 16.15 -15.64 17.70
CA GLU A 193 16.27 -16.89 16.96
C GLU A 193 14.93 -17.60 16.70
N GLU A 194 13.93 -17.38 17.56
CA GLU A 194 12.61 -17.99 17.40
C GLU A 194 11.73 -17.20 16.39
N ILE A 195 12.08 -15.93 16.16
CA ILE A 195 11.32 -15.06 15.26
C ILE A 195 11.47 -15.47 13.80
N TRP A 196 12.72 -15.65 13.32
CA TRP A 196 12.98 -15.91 11.91
C TRP A 196 12.09 -16.99 11.26
N PRO A 197 11.96 -18.22 11.78
CA PRO A 197 11.13 -19.22 11.08
C PRO A 197 9.63 -18.97 11.04
N LEU A 198 9.12 -18.10 11.90
CA LEU A 198 7.69 -17.83 12.00
C LEU A 198 7.14 -16.81 11.01
N CYS A 199 8.00 -15.93 10.51
CA CYS A 199 7.54 -14.77 9.75
C CYS A 199 7.23 -14.96 8.29
N ASP A 200 6.12 -14.36 7.87
CA ASP A 200 5.76 -14.21 6.46
C ASP A 200 6.35 -12.87 5.97
N PHE A 201 6.37 -11.86 6.86
CA PHE A 201 6.90 -10.52 6.58
C PHE A 201 7.79 -10.12 7.75
N ILE A 202 8.89 -9.40 7.44
CA ILE A 202 9.78 -8.86 8.48
C ILE A 202 10.03 -7.40 8.18
N THR A 203 9.86 -6.54 9.21
CA THR A 203 10.14 -5.13 9.06
C THR A 203 11.08 -4.71 10.18
N VAL A 204 12.01 -3.80 9.85
CA VAL A 204 13.02 -3.34 10.80
C VAL A 204 12.80 -1.88 11.19
N HIS A 205 12.88 -1.60 12.51
CA HIS A 205 12.66 -0.27 13.05
C HIS A 205 13.60 -0.01 14.23
N THR A 206 14.89 -0.08 13.92
CA THR A 206 15.94 0.09 14.92
C THR A 206 16.83 1.23 14.47
N PRO A 207 17.65 1.80 15.39
CA PRO A 207 18.70 2.72 14.94
C PRO A 207 19.76 1.89 14.21
N LEU A 208 20.68 2.54 13.50
CA LEU A 208 21.79 1.83 12.89
C LEU A 208 22.94 1.88 13.88
N LEU A 209 23.33 0.73 14.39
CA LEU A 209 24.41 0.57 15.33
C LEU A 209 25.25 -0.63 14.93
N PRO A 210 26.45 -0.85 15.52
CA PRO A 210 27.17 -2.10 15.22
C PRO A 210 26.28 -3.34 15.47
N SER A 211 25.45 -3.35 16.55
CA SER A 211 24.61 -4.51 16.86
C SER A 211 23.46 -4.75 15.87
N THR A 212 23.07 -3.72 15.10
CA THR A 212 21.95 -3.82 14.14
C THR A 212 22.42 -3.79 12.69
N THR A 213 23.74 -3.70 12.46
CA THR A 213 24.25 -3.69 11.09
C THR A 213 24.22 -5.13 10.56
N GLY A 214 23.53 -5.34 9.44
CA GLY A 214 23.44 -6.69 8.89
C GLY A 214 22.65 -7.62 9.78
N LEU A 215 21.62 -7.08 10.47
CA LEU A 215 20.72 -7.87 11.31
C LEU A 215 20.14 -8.99 10.45
N LEU A 216 19.74 -8.64 9.20
CA LEU A 216 19.33 -9.61 8.21
C LEU A 216 20.56 -9.86 7.34
N ASN A 217 21.09 -11.06 7.41
CA ASN A 217 22.32 -11.43 6.69
C ASN A 217 22.16 -12.85 6.16
N ASP A 218 23.22 -13.42 5.55
CA ASP A 218 23.06 -14.77 4.99
C ASP A 218 22.62 -15.80 6.02
N ASN A 219 23.15 -15.71 7.23
CA ASN A 219 22.81 -16.65 8.29
C ASN A 219 21.35 -16.49 8.72
N THR A 220 20.88 -15.25 8.94
CA THR A 220 19.49 -15.08 9.39
C THR A 220 18.49 -15.30 8.24
N PHE A 221 18.84 -14.94 6.99
CA PHE A 221 17.95 -15.26 5.87
C PHE A 221 17.74 -16.77 5.78
N ALA A 222 18.80 -17.58 6.03
CA ALA A 222 18.70 -19.04 5.99
C ALA A 222 17.75 -19.60 7.08
N GLN A 223 17.56 -18.85 8.18
CA GLN A 223 16.65 -19.26 9.26
C GLN A 223 15.20 -18.88 8.99
N CYS A 224 14.95 -18.04 7.97
CA CYS A 224 13.62 -17.59 7.61
C CYS A 224 12.85 -18.66 6.88
N LYS A 225 11.54 -18.46 6.83
CA LYS A 225 10.63 -19.31 6.07
C LYS A 225 10.92 -18.96 4.60
N LYS A 226 10.98 -19.98 3.73
CA LYS A 226 11.19 -19.73 2.30
C LYS A 226 10.05 -18.86 1.76
N GLY A 227 10.40 -17.75 1.13
CA GLY A 227 9.45 -16.82 0.57
C GLY A 227 9.10 -15.66 1.48
N VAL A 228 9.92 -15.41 2.52
CA VAL A 228 9.71 -14.27 3.41
C VAL A 228 9.79 -12.96 2.59
N ARG A 229 9.04 -11.94 3.01
CA ARG A 229 9.06 -10.62 2.40
C ARG A 229 9.60 -9.64 3.43
N VAL A 230 10.53 -8.78 3.03
CA VAL A 230 11.26 -7.90 3.95
C VAL A 230 11.08 -6.44 3.62
N VAL A 231 10.96 -5.62 4.66
CA VAL A 231 10.84 -4.17 4.52
C VAL A 231 11.93 -3.49 5.33
N ASN A 232 12.57 -2.49 4.74
CA ASN A 232 13.49 -1.61 5.43
C ASN A 232 13.18 -0.15 5.09
N CYS A 233 12.41 0.49 5.99
CA CYS A 233 12.11 1.92 5.97
C CYS A 233 12.81 2.59 7.16
N ALA A 234 13.85 1.95 7.73
CA ALA A 234 14.53 2.50 8.89
C ALA A 234 15.84 3.18 8.52
N ARG A 235 16.92 2.41 8.29
CA ARG A 235 18.22 2.96 7.92
C ARG A 235 18.96 1.93 7.06
N GLY A 236 19.63 2.42 6.02
CA GLY A 236 20.39 1.57 5.13
C GLY A 236 21.50 0.85 5.89
N GLY A 237 21.61 -0.45 5.66
CA GLY A 237 22.64 -1.26 6.30
C GLY A 237 22.11 -2.22 7.35
N ILE A 238 20.87 -1.99 7.87
CA ILE A 238 20.29 -2.94 8.81
C ILE A 238 20.08 -4.29 8.11
N VAL A 239 19.63 -4.24 6.84
CA VAL A 239 19.52 -5.44 6.01
C VAL A 239 20.83 -5.45 5.17
N ASP A 240 21.59 -6.54 5.24
CA ASP A 240 22.81 -6.69 4.45
C ASP A 240 22.38 -6.79 2.98
N GLU A 241 22.76 -5.81 2.18
CA GLU A 241 22.32 -5.72 0.78
C GLU A 241 22.81 -6.87 -0.11
N GLY A 242 24.02 -7.38 0.13
CA GLY A 242 24.50 -8.51 -0.64
C GLY A 242 23.73 -9.77 -0.27
N ALA A 243 23.44 -9.94 1.04
CA ALA A 243 22.70 -11.12 1.48
C ALA A 243 21.26 -11.05 0.95
N LEU A 244 20.66 -9.84 0.94
CA LEU A 244 19.30 -9.69 0.44
C LEU A 244 19.25 -10.09 -1.04
N LEU A 245 20.22 -9.63 -1.86
CA LEU A 245 20.21 -10.02 -3.27
C LEU A 245 20.32 -11.52 -3.43
N ARG A 246 21.23 -12.19 -2.68
CA ARG A 246 21.31 -13.65 -2.77
C ARG A 246 19.98 -14.32 -2.40
N ALA A 247 19.29 -13.81 -1.37
CA ALA A 247 18.01 -14.38 -0.96
C ALA A 247 16.92 -14.17 -2.03
N LEU A 248 16.92 -13.01 -2.70
CA LEU A 248 15.97 -12.76 -3.79
C LEU A 248 16.29 -13.69 -4.98
N GLN A 249 17.57 -13.92 -5.25
CA GLN A 249 18.00 -14.75 -6.38
C GLN A 249 17.59 -16.21 -6.23
N SER A 250 17.60 -16.73 -4.99
CA SER A 250 17.23 -18.12 -4.72
C SER A 250 15.72 -18.31 -4.51
N GLY A 251 15.00 -17.23 -4.20
CA GLY A 251 13.59 -17.30 -3.83
C GLY A 251 13.42 -17.45 -2.31
N GLN A 252 14.55 -17.51 -1.55
CA GLN A 252 14.47 -17.55 -0.09
C GLN A 252 13.70 -16.30 0.39
N CYS A 253 13.93 -15.15 -0.29
CA CYS A 253 13.18 -13.93 -0.05
C CYS A 253 12.31 -13.73 -1.31
N ALA A 254 10.98 -13.63 -1.15
CA ALA A 254 10.04 -13.44 -2.27
C ALA A 254 9.92 -12.00 -2.74
N GLY A 255 10.34 -11.06 -1.92
CA GLY A 255 10.26 -9.66 -2.27
C GLY A 255 10.77 -8.77 -1.17
N ALA A 256 11.22 -7.57 -1.55
CA ALA A 256 11.69 -6.62 -0.55
C ALA A 256 11.28 -5.22 -0.92
N ALA A 257 11.03 -4.39 0.11
CA ALA A 257 10.68 -3.00 -0.09
C ALA A 257 11.68 -2.16 0.67
N LEU A 258 12.38 -1.28 -0.05
CA LEU A 258 13.48 -0.50 0.49
C LEU A 258 13.32 0.99 0.29
N ASP A 259 13.20 1.74 1.38
CA ASP A 259 13.16 3.20 1.32
C ASP A 259 14.57 3.75 1.56
N VAL A 260 15.48 2.90 2.08
CA VAL A 260 16.80 3.31 2.51
C VAL A 260 17.88 2.35 2.00
N PHE A 261 19.10 2.88 1.78
CA PHE A 261 20.22 2.11 1.22
C PHE A 261 21.50 2.42 1.94
N THR A 262 22.46 1.48 1.92
CA THR A 262 23.76 1.68 2.59
C THR A 262 24.48 2.91 2.04
N GLU A 263 24.28 3.16 0.74
CA GLU A 263 24.76 4.31 -0.02
C GLU A 263 23.52 4.95 -0.64
N GLU A 264 23.35 6.26 -0.45
CA GLU A 264 22.20 6.95 -1.02
C GLU A 264 22.65 8.13 -1.88
N PRO A 265 22.36 8.14 -3.20
CA PRO A 265 21.65 7.09 -3.96
C PRO A 265 22.52 5.84 -4.12
N PRO A 266 21.92 4.63 -4.19
CA PRO A 266 22.75 3.42 -4.32
C PRO A 266 23.43 3.36 -5.68
N ARG A 267 24.74 3.06 -5.69
CA ARG A 267 25.48 2.99 -6.94
C ARG A 267 25.40 1.59 -7.55
N ASP A 268 25.24 0.55 -6.70
CA ASP A 268 25.02 -0.83 -7.15
C ASP A 268 23.50 -0.91 -7.36
N ARG A 269 23.07 -1.12 -8.61
CA ARG A 269 21.64 -1.09 -8.95
C ARG A 269 20.93 -2.45 -8.93
N ALA A 270 21.65 -3.53 -8.57
CA ALA A 270 21.09 -4.88 -8.61
C ALA A 270 19.82 -5.04 -7.77
N LEU A 271 19.77 -4.43 -6.56
CA LEU A 271 18.54 -4.55 -5.78
C LEU A 271 17.42 -3.74 -6.39
N VAL A 272 17.66 -2.43 -6.67
CA VAL A 272 16.63 -1.57 -7.25
C VAL A 272 16.07 -2.18 -8.55
N ASP A 273 16.93 -2.80 -9.36
CA ASP A 273 16.52 -3.39 -10.64
C ASP A 273 15.79 -4.72 -10.55
N HIS A 274 15.85 -5.39 -9.39
CA HIS A 274 15.21 -6.70 -9.26
C HIS A 274 13.70 -6.56 -9.35
N GLU A 275 13.05 -7.47 -10.11
CA GLU A 275 11.60 -7.42 -10.34
C GLU A 275 10.76 -7.52 -9.04
N ASN A 276 11.33 -8.14 -8.00
CA ASN A 276 10.63 -8.32 -6.72
C ASN A 276 11.00 -7.29 -5.67
N VAL A 277 11.70 -6.21 -6.10
CA VAL A 277 12.07 -5.13 -5.20
C VAL A 277 11.28 -3.86 -5.53
N ILE A 278 10.64 -3.30 -4.50
CA ILE A 278 9.92 -2.03 -4.50
C ILE A 278 10.83 -1.03 -3.78
N SER A 279 10.94 0.20 -4.28
CA SER A 279 11.83 1.17 -3.66
C SER A 279 11.33 2.59 -3.76
N CYS A 280 11.87 3.45 -2.90
CA CYS A 280 11.60 4.88 -2.90
C CYS A 280 12.91 5.55 -2.59
N PRO A 281 13.06 6.83 -3.01
CA PRO A 281 14.28 7.57 -2.68
C PRO A 281 14.23 8.20 -1.28
N HIS A 282 14.20 7.36 -0.22
CA HIS A 282 14.17 7.80 1.19
C HIS A 282 13.04 8.80 1.45
N LEU A 283 11.80 8.35 1.23
CA LEU A 283 10.61 9.18 1.37
C LEU A 283 9.89 9.04 2.71
N GLY A 284 10.44 8.28 3.65
CA GLY A 284 9.79 8.04 4.94
C GLY A 284 9.32 9.27 5.68
N ALA A 285 10.10 10.37 5.61
CA ALA A 285 9.82 11.64 6.29
C ALA A 285 9.27 12.72 5.34
N SER A 286 9.06 12.35 4.06
CA SER A 286 8.65 13.27 3.02
C SER A 286 7.16 13.50 2.92
N THR A 287 6.59 14.11 3.97
CA THR A 287 5.18 14.54 3.96
C THR A 287 5.17 15.95 4.52
N LYS A 288 4.20 16.81 4.11
CA LYS A 288 4.12 18.16 4.66
C LYS A 288 3.88 18.12 6.18
N GLU A 289 3.09 17.13 6.65
CA GLU A 289 2.75 16.95 8.06
C GLU A 289 3.99 16.64 8.90
N ALA A 290 4.86 15.75 8.42
CA ALA A 290 6.08 15.39 9.15
C ALA A 290 7.05 16.56 9.19
N GLN A 291 7.21 17.25 8.04
CA GLN A 291 8.09 18.41 7.94
C GLN A 291 7.63 19.51 8.90
N SER A 292 6.31 19.78 8.98
CA SER A 292 5.78 20.79 9.90
C SER A 292 5.99 20.39 11.37
N ARG A 293 5.76 19.11 11.71
CA ARG A 293 5.93 18.56 13.06
C ARG A 293 7.40 18.63 13.51
N CYS A 294 8.34 18.31 12.61
CA CYS A 294 9.77 18.40 12.92
C CYS A 294 10.20 19.83 13.22
N GLY A 295 9.69 20.77 12.42
CA GLY A 295 9.95 22.20 12.58
C GLY A 295 9.52 22.69 13.95
N GLU A 296 8.31 22.27 14.39
CA GLU A 296 7.73 22.58 15.69
C GLU A 296 8.58 21.98 16.80
N GLU A 297 8.89 20.67 16.70
CA GLU A 297 9.68 19.92 17.69
C GLU A 297 11.09 20.47 17.90
N ILE A 298 11.76 20.96 16.82
CA ILE A 298 13.11 21.51 16.96
C ILE A 298 13.07 22.88 17.66
N ALA A 299 12.07 23.72 17.33
CA ALA A 299 11.90 25.04 17.94
C ALA A 299 11.57 24.91 19.44
N VAL A 300 10.76 23.90 19.83
CA VAL A 300 10.41 23.64 21.24
C VAL A 300 11.67 23.23 22.03
N GLN A 301 12.54 22.39 21.42
CA GLN A 301 13.80 21.93 22.01
C GLN A 301 14.78 23.09 22.29
N PHE A 302 14.74 24.13 21.44
CA PHE A 302 15.59 25.32 21.57
C PHE A 302 15.08 26.25 22.66
N LEU B 5 -26.43 -34.75 -12.46
CA LEU B 5 -25.05 -34.22 -12.47
C LEU B 5 -24.06 -35.35 -12.19
N ARG B 6 -23.23 -35.69 -13.20
CA ARG B 6 -22.24 -36.77 -13.14
C ARG B 6 -20.82 -36.32 -13.53
N LYS B 7 -20.71 -35.44 -14.54
CA LYS B 7 -19.42 -34.96 -15.07
C LYS B 7 -19.39 -33.43 -15.11
N VAL B 8 -18.28 -32.85 -14.64
CA VAL B 8 -18.07 -31.40 -14.58
C VAL B 8 -16.79 -31.02 -15.30
N LEU B 9 -16.88 -30.00 -16.18
CA LEU B 9 -15.70 -29.43 -16.81
C LEU B 9 -15.32 -28.16 -16.06
N ILE B 10 -14.04 -28.07 -15.65
CA ILE B 10 -13.47 -26.86 -15.07
C ILE B 10 -12.65 -26.34 -16.26
N SER B 11 -13.01 -25.16 -16.81
CA SER B 11 -12.40 -24.64 -18.03
C SER B 11 -11.40 -23.49 -17.84
N ASP B 12 -11.22 -23.04 -16.59
CA ASP B 12 -10.25 -21.99 -16.26
C ASP B 12 -9.34 -22.51 -15.17
N SER B 13 -8.23 -21.80 -14.88
CA SER B 13 -7.28 -22.25 -13.87
C SER B 13 -7.83 -21.91 -12.49
N LEU B 14 -8.26 -22.92 -11.75
CA LEU B 14 -8.84 -22.74 -10.42
C LEU B 14 -7.94 -23.35 -9.37
N ASP B 15 -8.22 -23.06 -8.10
CA ASP B 15 -7.45 -23.67 -7.03
C ASP B 15 -7.69 -25.20 -7.09
N PRO B 16 -6.65 -26.03 -6.84
CA PRO B 16 -6.85 -27.50 -6.91
C PRO B 16 -7.93 -28.08 -5.98
N CYS B 17 -8.36 -27.33 -4.94
CA CYS B 17 -9.40 -27.80 -4.02
C CYS B 17 -10.74 -27.98 -4.71
N CYS B 18 -11.00 -27.21 -5.78
CA CYS B 18 -12.25 -27.30 -6.50
C CYS B 18 -12.46 -28.70 -7.06
N ARG B 19 -11.49 -29.19 -7.86
CA ARG B 19 -11.54 -30.55 -8.44
C ARG B 19 -11.70 -31.62 -7.34
N LYS B 20 -10.92 -31.52 -6.27
CA LYS B 20 -10.90 -32.48 -5.16
C LYS B 20 -12.25 -32.57 -4.42
N ILE B 21 -12.93 -31.43 -4.17
CA ILE B 21 -14.24 -31.44 -3.49
C ILE B 21 -15.28 -32.12 -4.40
N LEU B 22 -15.30 -31.76 -5.70
CA LEU B 22 -16.22 -32.38 -6.67
C LEU B 22 -16.01 -33.88 -6.70
N GLN B 23 -14.75 -34.34 -6.81
CA GLN B 23 -14.40 -35.77 -6.84
C GLN B 23 -14.81 -36.47 -5.54
N ASP B 24 -14.60 -35.81 -4.39
CA ASP B 24 -14.99 -36.41 -3.10
C ASP B 24 -16.50 -36.52 -2.95
N GLY B 25 -17.22 -35.71 -3.73
CA GLY B 25 -18.68 -35.74 -3.80
C GLY B 25 -19.23 -36.73 -4.81
N GLY B 26 -18.33 -37.51 -5.43
CA GLY B 26 -18.65 -38.54 -6.42
C GLY B 26 -18.78 -38.10 -7.86
N LEU B 27 -18.27 -36.91 -8.20
CA LEU B 27 -18.34 -36.37 -9.56
C LEU B 27 -17.07 -36.60 -10.36
N GLN B 28 -17.21 -36.89 -11.66
CA GLN B 28 -16.09 -37.01 -12.58
C GLN B 28 -15.71 -35.56 -12.93
N VAL B 29 -14.39 -35.27 -13.04
CA VAL B 29 -13.92 -33.92 -13.35
C VAL B 29 -12.89 -33.92 -14.48
N VAL B 30 -13.08 -33.00 -15.44
CA VAL B 30 -12.12 -32.73 -16.52
C VAL B 30 -11.66 -31.29 -16.26
N GLU B 31 -10.33 -31.09 -16.18
CA GLU B 31 -9.73 -29.77 -15.96
C GLU B 31 -8.98 -29.34 -17.20
N LYS B 32 -9.43 -28.23 -17.81
CA LYS B 32 -8.85 -27.64 -19.01
C LYS B 32 -8.65 -26.14 -18.80
N GLN B 33 -7.87 -25.51 -19.69
CA GLN B 33 -7.59 -24.07 -19.65
C GLN B 33 -7.39 -23.57 -21.07
N ASN B 34 -7.67 -22.26 -21.31
CA ASN B 34 -7.45 -21.54 -22.58
C ASN B 34 -8.05 -22.23 -23.82
N LEU B 35 -9.25 -22.81 -23.66
CA LEU B 35 -9.94 -23.47 -24.76
C LEU B 35 -10.58 -22.45 -25.69
N SER B 36 -10.57 -22.75 -26.99
CA SER B 36 -11.25 -21.89 -27.97
C SER B 36 -12.74 -22.20 -27.84
N LYS B 37 -13.59 -21.36 -28.42
CA LYS B 37 -15.04 -21.53 -28.43
C LYS B 37 -15.41 -22.96 -28.89
N GLU B 38 -14.74 -23.43 -29.96
CA GLU B 38 -14.94 -24.75 -30.54
C GLU B 38 -14.47 -25.87 -29.61
N GLU B 39 -13.29 -25.71 -28.96
CA GLU B 39 -12.75 -26.71 -28.03
C GLU B 39 -13.62 -26.85 -26.77
N LEU B 40 -14.16 -25.72 -26.27
CA LEU B 40 -15.03 -25.66 -25.09
C LEU B 40 -16.34 -26.41 -25.36
N ILE B 41 -17.02 -26.10 -26.48
CA ILE B 41 -18.27 -26.75 -26.89
C ILE B 41 -18.07 -28.28 -27.01
N ALA B 42 -16.95 -28.71 -27.63
CA ALA B 42 -16.59 -30.12 -27.82
C ALA B 42 -16.43 -30.83 -26.47
N GLU B 43 -15.71 -30.20 -25.51
CA GLU B 43 -15.50 -30.76 -24.18
C GLU B 43 -16.80 -30.91 -23.37
N LEU B 44 -17.75 -29.99 -23.57
CA LEU B 44 -19.02 -29.95 -22.83
C LEU B 44 -20.10 -30.95 -23.25
N GLN B 45 -19.94 -31.58 -24.43
CA GLN B 45 -20.96 -32.51 -24.97
C GLN B 45 -21.42 -33.61 -24.00
N ASP B 46 -20.54 -34.08 -23.09
CA ASP B 46 -20.91 -35.10 -22.10
C ASP B 46 -20.84 -34.57 -20.64
N CYS B 47 -20.98 -33.24 -20.44
CA CYS B 47 -20.93 -32.60 -19.13
C CYS B 47 -22.27 -31.99 -18.73
N GLU B 48 -22.70 -32.21 -17.47
CA GLU B 48 -23.92 -31.62 -16.92
C GLU B 48 -23.56 -30.34 -16.15
N GLY B 49 -22.26 -30.15 -15.89
CA GLY B 49 -21.78 -28.97 -15.18
C GLY B 49 -20.55 -28.33 -15.78
N LEU B 50 -20.41 -27.01 -15.58
CA LEU B 50 -19.27 -26.23 -16.04
C LEU B 50 -18.90 -25.28 -14.94
N ILE B 51 -17.60 -25.22 -14.60
CA ILE B 51 -17.09 -24.27 -13.62
C ILE B 51 -16.06 -23.41 -14.29
N VAL B 52 -16.24 -22.09 -14.16
CA VAL B 52 -15.35 -21.10 -14.77
C VAL B 52 -14.83 -20.15 -13.73
N ARG B 53 -13.83 -19.32 -14.12
CA ARG B 53 -13.40 -18.20 -13.32
C ARG B 53 -13.90 -17.00 -14.14
N SER B 54 -13.04 -16.37 -14.96
CA SER B 54 -13.47 -15.22 -15.76
C SER B 54 -13.12 -15.29 -17.24
N ALA B 55 -12.05 -16.02 -17.59
CA ALA B 55 -11.59 -16.12 -18.98
C ALA B 55 -12.58 -16.86 -19.88
N THR B 56 -13.25 -17.91 -19.38
CA THR B 56 -14.21 -18.65 -20.20
C THR B 56 -15.48 -17.82 -20.35
N LYS B 57 -15.89 -17.60 -21.60
CA LYS B 57 -17.10 -16.82 -21.88
C LYS B 57 -18.26 -17.77 -22.15
N VAL B 58 -19.18 -17.84 -21.18
CA VAL B 58 -20.33 -18.72 -21.26
C VAL B 58 -21.46 -17.95 -21.98
N THR B 59 -21.31 -17.83 -23.29
CA THR B 59 -22.22 -17.10 -24.18
C THR B 59 -23.45 -17.94 -24.52
N ALA B 60 -24.43 -17.31 -25.22
CA ALA B 60 -25.64 -17.96 -25.71
C ALA B 60 -25.28 -19.11 -26.65
N ASP B 61 -24.32 -18.90 -27.57
CA ASP B 61 -23.84 -19.93 -28.51
C ASP B 61 -23.26 -21.16 -27.78
N VAL B 62 -22.50 -20.94 -26.69
CA VAL B 62 -21.92 -22.04 -25.90
C VAL B 62 -23.06 -22.81 -25.21
N ILE B 63 -23.97 -22.07 -24.51
CA ILE B 63 -25.13 -22.61 -23.79
C ILE B 63 -26.02 -23.46 -24.70
N ASN B 64 -26.37 -22.93 -25.89
CA ASN B 64 -27.25 -23.61 -26.85
C ASN B 64 -26.63 -24.85 -27.52
N ALA B 65 -25.29 -24.92 -27.58
CA ALA B 65 -24.57 -26.05 -28.17
C ALA B 65 -24.23 -27.13 -27.12
N ALA B 66 -24.46 -26.84 -25.82
CA ALA B 66 -24.21 -27.76 -24.69
C ALA B 66 -25.55 -28.31 -24.15
N GLU B 67 -26.11 -29.28 -24.89
CA GLU B 67 -27.41 -29.92 -24.65
C GLU B 67 -27.59 -30.52 -23.24
N LYS B 68 -26.55 -31.19 -22.70
CA LYS B 68 -26.58 -31.85 -21.39
C LYS B 68 -26.35 -30.92 -20.18
N LEU B 69 -25.95 -29.66 -20.41
CA LEU B 69 -25.64 -28.67 -19.38
C LEU B 69 -26.83 -28.33 -18.46
N GLN B 70 -26.63 -28.54 -17.14
CA GLN B 70 -27.62 -28.28 -16.09
C GLN B 70 -27.25 -27.12 -15.18
N VAL B 71 -25.94 -26.92 -14.94
CA VAL B 71 -25.47 -25.90 -14.02
C VAL B 71 -24.14 -25.29 -14.47
N VAL B 72 -24.02 -23.96 -14.33
CA VAL B 72 -22.81 -23.19 -14.61
C VAL B 72 -22.43 -22.48 -13.31
N GLY B 73 -21.24 -22.76 -12.81
CA GLY B 73 -20.75 -22.13 -11.59
C GLY B 73 -19.55 -21.25 -11.87
N ARG B 74 -19.47 -20.09 -11.20
CA ARG B 74 -18.31 -19.22 -11.32
C ARG B 74 -17.61 -19.19 -9.98
N ALA B 75 -16.31 -19.47 -9.96
CA ALA B 75 -15.49 -19.41 -8.75
C ALA B 75 -15.05 -17.94 -8.60
N GLY B 76 -16.00 -17.10 -8.22
CA GLY B 76 -15.77 -15.67 -8.05
C GLY B 76 -17.06 -14.88 -7.90
N THR B 77 -16.94 -13.56 -7.68
CA THR B 77 -18.10 -12.67 -7.49
C THR B 77 -18.65 -12.21 -8.83
N GLY B 78 -19.95 -11.96 -8.86
CA GLY B 78 -20.62 -11.52 -10.09
C GLY B 78 -20.68 -12.62 -11.14
N VAL B 79 -21.22 -12.30 -12.32
CA VAL B 79 -21.39 -13.26 -13.42
C VAL B 79 -21.17 -12.57 -14.78
N ASP B 80 -20.19 -11.63 -14.84
CA ASP B 80 -19.91 -10.87 -16.07
C ASP B 80 -19.69 -11.74 -17.30
N ASN B 81 -19.04 -12.91 -17.12
CA ASN B 81 -18.72 -13.82 -18.22
C ASN B 81 -19.78 -14.91 -18.49
N VAL B 82 -20.98 -14.78 -17.88
CA VAL B 82 -22.06 -15.76 -18.09
C VAL B 82 -23.30 -15.03 -18.62
N ASP B 83 -23.91 -15.55 -19.70
CA ASP B 83 -25.14 -14.95 -20.26
C ASP B 83 -26.31 -15.52 -19.45
N LEU B 84 -26.77 -14.75 -18.45
CA LEU B 84 -27.87 -15.12 -17.56
C LEU B 84 -29.17 -15.35 -18.31
N GLU B 85 -29.45 -14.47 -19.31
CA GLU B 85 -30.65 -14.55 -20.15
C GLU B 85 -30.74 -15.90 -20.87
N ALA B 86 -29.63 -16.34 -21.51
CA ALA B 86 -29.54 -17.61 -22.24
C ALA B 86 -29.63 -18.82 -21.31
N ALA B 87 -29.04 -18.74 -20.11
CA ALA B 87 -29.08 -19.82 -19.11
C ALA B 87 -30.52 -20.04 -18.61
N THR B 88 -31.24 -18.95 -18.26
CA THR B 88 -32.63 -19.01 -17.79
C THR B 88 -33.57 -19.59 -18.86
N ARG B 89 -33.34 -19.26 -20.14
CA ARG B 89 -34.12 -19.76 -21.28
C ARG B 89 -33.94 -21.28 -21.46
N LYS B 90 -32.74 -21.81 -21.10
CA LYS B 90 -32.44 -23.24 -21.23
C LYS B 90 -32.63 -24.03 -19.92
N GLY B 91 -33.11 -23.36 -18.88
CA GLY B 91 -33.34 -23.94 -17.55
C GLY B 91 -32.06 -24.34 -16.84
N ILE B 92 -30.96 -23.60 -17.07
CA ILE B 92 -29.65 -23.85 -16.46
C ILE B 92 -29.49 -22.99 -15.21
N LEU B 93 -29.12 -23.64 -14.08
CA LEU B 93 -28.87 -22.91 -12.84
C LEU B 93 -27.50 -22.23 -12.91
N VAL B 94 -27.39 -20.99 -12.43
CA VAL B 94 -26.13 -20.25 -12.39
C VAL B 94 -25.79 -20.02 -10.94
N MET B 95 -24.58 -20.45 -10.53
CA MET B 95 -24.10 -20.31 -9.16
C MET B 95 -22.80 -19.54 -9.16
N ASN B 96 -22.53 -18.80 -8.09
CA ASN B 96 -21.27 -18.06 -7.93
C ASN B 96 -20.91 -17.98 -6.43
N THR B 97 -19.86 -17.21 -6.08
CA THR B 97 -19.34 -17.10 -4.70
C THR B 97 -19.31 -15.63 -4.27
N PRO B 98 -20.46 -15.04 -3.85
CA PRO B 98 -20.52 -13.60 -3.55
C PRO B 98 -19.54 -13.02 -2.55
N ASN B 99 -19.11 -13.78 -1.54
CA ASN B 99 -18.21 -13.26 -0.52
C ASN B 99 -16.80 -13.84 -0.51
N GLY B 100 -16.47 -14.66 -1.50
CA GLY B 100 -15.17 -15.32 -1.60
C GLY B 100 -13.96 -14.42 -1.69
N ASN B 101 -14.12 -13.16 -2.15
CA ASN B 101 -12.96 -12.29 -2.31
C ASN B 101 -12.98 -11.01 -1.48
N SER B 102 -13.95 -10.86 -0.57
CA SER B 102 -14.13 -9.62 0.19
C SER B 102 -12.87 -9.09 0.84
N LEU B 103 -12.13 -9.93 1.59
CA LEU B 103 -10.92 -9.45 2.26
C LEU B 103 -9.84 -9.07 1.28
N SER B 104 -9.69 -9.84 0.19
CA SER B 104 -8.66 -9.55 -0.78
C SER B 104 -8.95 -8.24 -1.50
N ALA B 105 -10.23 -7.94 -1.78
CA ALA B 105 -10.59 -6.68 -2.44
C ALA B 105 -10.39 -5.52 -1.47
N ALA B 106 -10.75 -5.70 -0.17
CA ALA B 106 -10.55 -4.63 0.80
C ALA B 106 -9.05 -4.37 1.00
N GLU B 107 -8.22 -5.43 1.07
CA GLU B 107 -6.79 -5.22 1.25
C GLU B 107 -6.20 -4.48 0.05
N LEU B 108 -6.61 -4.81 -1.18
CA LEU B 108 -6.09 -4.10 -2.35
C LEU B 108 -6.47 -2.62 -2.28
N THR B 109 -7.74 -2.35 -1.89
CA THR B 109 -8.22 -0.99 -1.77
C THR B 109 -7.34 -0.19 -0.80
N CYS B 110 -7.05 -0.78 0.39
CA CYS B 110 -6.18 -0.11 1.35
C CYS B 110 -4.77 0.12 0.78
N GLY B 111 -4.23 -0.85 0.03
CA GLY B 111 -2.92 -0.69 -0.60
C GLY B 111 -2.94 0.44 -1.60
N MET B 112 -4.06 0.60 -2.34
CA MET B 112 -4.20 1.68 -3.32
C MET B 112 -4.22 3.04 -2.62
N ILE B 113 -4.92 3.15 -1.46
CA ILE B 113 -4.95 4.39 -0.72
C ILE B 113 -3.54 4.78 -0.30
N MET B 114 -2.76 3.82 0.25
CA MET B 114 -1.38 4.09 0.65
C MET B 114 -0.52 4.49 -0.52
N CYS B 115 -0.70 3.79 -1.67
CA CYS B 115 0.07 4.09 -2.87
C CYS B 115 -0.21 5.48 -3.37
N LEU B 116 -1.48 5.94 -3.30
CA LEU B 116 -1.80 7.30 -3.71
C LEU B 116 -1.24 8.33 -2.75
N ALA B 117 -1.31 8.03 -1.42
CA ALA B 117 -0.83 8.99 -0.43
C ALA B 117 0.69 9.23 -0.54
N ARG B 118 1.47 8.19 -0.92
CA ARG B 118 2.92 8.32 -0.94
C ARG B 118 3.55 8.12 -2.31
N GLN B 119 2.72 8.04 -3.38
CA GLN B 119 3.20 7.92 -4.77
C GLN B 119 4.20 6.76 -4.90
N ILE B 120 3.90 5.62 -4.24
CA ILE B 120 4.82 4.48 -4.21
C ILE B 120 5.09 3.92 -5.63
N PRO B 121 4.06 3.70 -6.48
CA PRO B 121 4.36 3.18 -7.84
C PRO B 121 5.26 4.12 -8.64
N GLN B 122 5.02 5.44 -8.51
CA GLN B 122 5.78 6.45 -9.22
C GLN B 122 7.22 6.52 -8.71
N ALA B 123 7.39 6.39 -7.38
CA ALA B 123 8.71 6.37 -6.75
C ALA B 123 9.51 5.15 -7.21
N THR B 124 8.87 3.95 -7.26
CA THR B 124 9.57 2.77 -7.74
C THR B 124 9.96 2.92 -9.23
N ALA B 125 9.08 3.50 -10.04
CA ALA B 125 9.39 3.68 -11.46
C ALA B 125 10.59 4.63 -11.62
N SER B 126 10.65 5.72 -10.82
CA SER B 126 11.70 6.71 -10.83
C SER B 126 13.04 6.03 -10.47
N MET B 127 13.04 5.22 -9.38
CA MET B 127 14.25 4.51 -8.95
C MET B 127 14.69 3.54 -10.04
N LYS B 128 13.73 2.78 -10.64
CA LYS B 128 14.06 1.81 -11.69
C LYS B 128 14.57 2.48 -12.97
N ASP B 129 14.29 3.79 -13.13
CA ASP B 129 14.79 4.58 -14.26
C ASP B 129 16.19 5.17 -13.93
N GLY B 130 16.76 4.73 -12.79
CA GLY B 130 18.10 5.16 -12.34
C GLY B 130 18.16 6.53 -11.72
N LYS B 131 17.00 7.08 -11.30
CA LYS B 131 16.89 8.41 -10.71
C LYS B 131 16.74 8.40 -9.19
N TRP B 132 17.12 9.50 -8.54
CA TRP B 132 16.96 9.73 -7.10
C TRP B 132 16.24 11.08 -7.00
N GLU B 133 14.92 11.02 -7.09
CA GLU B 133 14.09 12.22 -7.18
C GLU B 133 13.40 12.60 -5.90
N ARG B 134 14.09 12.43 -4.76
CA ARG B 134 13.58 12.76 -3.43
C ARG B 134 12.92 14.14 -3.36
N LYS B 135 13.58 15.17 -3.94
CA LYS B 135 13.10 16.55 -3.93
C LYS B 135 11.80 16.79 -4.71
N LYS B 136 11.47 15.88 -5.65
CA LYS B 136 10.25 15.97 -6.47
C LYS B 136 9.03 15.28 -5.86
N PHE B 137 9.22 14.52 -4.77
CA PHE B 137 8.11 13.82 -4.13
C PHE B 137 7.68 14.50 -2.85
N MET B 138 6.36 14.63 -2.69
CA MET B 138 5.78 15.18 -1.48
C MET B 138 4.53 14.35 -1.19
N GLY B 139 4.61 13.52 -0.16
CA GLY B 139 3.51 12.65 0.19
C GLY B 139 2.55 13.28 1.17
N THR B 140 1.48 12.55 1.47
CA THR B 140 0.46 12.96 2.43
C THR B 140 0.43 11.95 3.57
N GLU B 141 0.37 12.45 4.80
CA GLU B 141 0.22 11.63 5.99
C GLU B 141 -1.30 11.38 6.14
N LEU B 142 -1.71 10.11 6.29
CA LEU B 142 -3.12 9.74 6.40
C LEU B 142 -3.78 10.09 7.73
N ASN B 143 -3.04 10.01 8.83
CA ASN B 143 -3.61 10.33 10.15
C ASN B 143 -4.35 11.66 10.10
N GLY B 144 -5.59 11.66 10.57
CA GLY B 144 -6.40 12.86 10.61
C GLY B 144 -7.15 13.20 9.33
N LYS B 145 -6.83 12.52 8.21
CA LYS B 145 -7.53 12.81 6.96
C LYS B 145 -8.89 12.12 6.91
N THR B 146 -9.78 12.60 6.03
CA THR B 146 -11.11 12.03 5.91
C THR B 146 -11.20 11.12 4.69
N LEU B 147 -11.67 9.89 4.91
CA LEU B 147 -11.94 8.88 3.89
C LEU B 147 -13.45 8.72 3.76
N GLY B 148 -13.95 9.01 2.57
CA GLY B 148 -15.35 8.80 2.23
C GLY B 148 -15.50 7.42 1.61
N ILE B 149 -16.42 6.62 2.14
CA ILE B 149 -16.66 5.23 1.67
C ILE B 149 -18.09 5.20 1.15
N LEU B 150 -18.23 5.07 -0.17
CA LEU B 150 -19.54 5.05 -0.81
C LEU B 150 -19.89 3.59 -1.07
N GLY B 151 -20.84 3.06 -0.31
CA GLY B 151 -21.19 1.64 -0.34
C GLY B 151 -20.62 1.00 0.92
N LEU B 152 -21.50 0.54 1.79
CA LEU B 152 -21.11 0.05 3.09
C LEU B 152 -21.52 -1.39 3.35
N GLY B 153 -21.35 -2.21 2.30
CA GLY B 153 -21.52 -3.64 2.41
C GLY B 153 -20.23 -4.22 3.00
N ARG B 154 -20.02 -5.51 2.83
CA ARG B 154 -18.86 -6.19 3.39
C ARG B 154 -17.51 -5.53 3.06
N ILE B 155 -17.29 -5.22 1.77
CA ILE B 155 -15.98 -4.66 1.40
C ILE B 155 -15.76 -3.27 1.96
N GLY B 156 -16.77 -2.39 1.87
CA GLY B 156 -16.62 -1.05 2.43
C GLY B 156 -16.38 -1.06 3.93
N ARG B 157 -17.05 -1.98 4.65
CA ARG B 157 -16.89 -2.12 6.11
C ARG B 157 -15.44 -2.56 6.44
N GLU B 158 -14.91 -3.51 5.65
CA GLU B 158 -13.57 -4.00 5.91
C GLU B 158 -12.51 -2.95 5.61
N VAL B 159 -12.74 -2.14 4.56
CA VAL B 159 -11.80 -1.03 4.28
C VAL B 159 -11.87 -0.04 5.44
N ALA B 160 -13.09 0.26 5.93
CA ALA B 160 -13.24 1.22 7.01
C ALA B 160 -12.46 0.85 8.26
N THR B 161 -12.62 -0.39 8.74
CA THR B 161 -11.97 -0.76 10.01
C THR B 161 -10.43 -0.75 9.89
N ARG B 162 -9.90 -1.07 8.70
CA ARG B 162 -8.46 -1.02 8.47
C ARG B 162 -7.98 0.42 8.45
N MET B 163 -8.67 1.29 7.70
CA MET B 163 -8.20 2.67 7.61
C MET B 163 -8.43 3.47 8.90
N GLN B 164 -9.37 3.03 9.74
CA GLN B 164 -9.56 3.65 11.04
C GLN B 164 -8.27 3.48 11.88
N SER B 165 -7.52 2.36 11.70
CA SER B 165 -6.29 2.14 12.48
C SER B 165 -5.20 3.14 12.12
N PHE B 166 -5.32 3.79 10.96
CA PHE B 166 -4.40 4.82 10.51
C PHE B 166 -4.83 6.19 11.03
N GLY B 167 -5.90 6.25 11.83
CA GLY B 167 -6.37 7.53 12.33
C GLY B 167 -7.19 8.31 11.29
N MET B 168 -7.62 7.66 10.20
CA MET B 168 -8.46 8.37 9.23
C MET B 168 -9.88 8.48 9.80
N LYS B 169 -10.56 9.59 9.49
CA LYS B 169 -11.96 9.80 9.85
C LYS B 169 -12.72 9.10 8.73
N THR B 170 -13.50 8.08 9.05
CA THR B 170 -14.26 7.33 8.05
C THR B 170 -15.71 7.72 8.04
N ILE B 171 -16.13 8.38 6.95
CA ILE B 171 -17.51 8.80 6.73
C ILE B 171 -18.00 8.09 5.46
N GLY B 172 -19.30 8.15 5.19
CA GLY B 172 -19.76 7.50 3.98
C GLY B 172 -21.26 7.55 3.83
N TYR B 173 -21.74 6.77 2.86
CA TYR B 173 -23.15 6.72 2.57
C TYR B 173 -23.50 5.38 1.93
N ASP B 174 -24.67 4.86 2.30
CA ASP B 174 -25.25 3.67 1.71
C ASP B 174 -26.75 3.75 1.95
N PRO B 175 -27.61 3.64 0.91
CA PRO B 175 -29.06 3.75 1.13
C PRO B 175 -29.70 2.54 1.81
N ILE B 176 -28.99 1.39 1.86
CA ILE B 176 -29.47 0.16 2.46
C ILE B 176 -29.02 0.07 3.93
N ILE B 177 -27.75 0.39 4.19
CA ILE B 177 -27.20 0.31 5.54
C ILE B 177 -27.58 1.56 6.32
N SER B 178 -28.19 1.37 7.49
CA SER B 178 -28.62 2.53 8.25
C SER B 178 -27.44 3.25 8.94
N PRO B 179 -27.61 4.54 9.28
CA PRO B 179 -26.54 5.24 10.01
C PRO B 179 -26.21 4.60 11.37
N GLU B 180 -27.20 3.99 12.06
CA GLU B 180 -26.93 3.31 13.33
C GLU B 180 -26.07 2.08 13.11
N VAL B 181 -26.38 1.29 12.05
CA VAL B 181 -25.56 0.11 11.73
C VAL B 181 -24.15 0.52 11.33
N SER B 182 -24.00 1.51 10.43
CA SER B 182 -22.63 1.87 10.06
C SER B 182 -21.82 2.45 11.24
N ALA B 183 -22.50 3.13 12.18
CA ALA B 183 -21.83 3.65 13.37
C ALA B 183 -21.19 2.51 14.17
N SER B 184 -21.82 1.29 14.15
CA SER B 184 -21.28 0.13 14.86
C SER B 184 -19.97 -0.39 14.28
N PHE B 185 -19.62 0.02 13.05
CA PHE B 185 -18.31 -0.31 12.49
C PHE B 185 -17.54 0.98 12.15
N GLY B 186 -17.90 2.06 12.86
CA GLY B 186 -17.16 3.32 12.81
C GLY B 186 -17.26 4.19 11.58
N VAL B 187 -18.32 4.00 10.78
CA VAL B 187 -18.54 4.85 9.61
C VAL B 187 -19.69 5.79 9.86
N GLN B 188 -19.39 7.10 9.87
CA GLN B 188 -20.40 8.13 10.10
C GLN B 188 -21.10 8.43 8.77
N GLN B 189 -22.42 8.23 8.76
CA GLN B 189 -23.18 8.53 7.55
C GLN B 189 -23.78 9.90 7.61
N LEU B 190 -23.75 10.56 6.44
CA LEU B 190 -24.33 11.88 6.27
C LEU B 190 -25.09 11.84 4.95
N PRO B 191 -25.95 12.82 4.65
CA PRO B 191 -26.55 12.82 3.31
C PRO B 191 -25.44 12.82 2.26
N LEU B 192 -25.62 12.10 1.14
CA LEU B 192 -24.60 12.00 0.10
C LEU B 192 -24.02 13.37 -0.30
N GLU B 193 -24.86 14.42 -0.46
CA GLU B 193 -24.35 15.74 -0.83
C GLU B 193 -23.36 16.34 0.18
N GLU B 194 -23.45 15.92 1.45
CA GLU B 194 -22.56 16.41 2.49
C GLU B 194 -21.23 15.66 2.52
N ILE B 195 -21.15 14.48 1.87
CA ILE B 195 -19.92 13.69 1.87
C ILE B 195 -18.85 14.32 0.97
N TRP B 196 -19.20 14.64 -0.29
CA TRP B 196 -18.21 15.17 -1.24
C TRP B 196 -17.29 16.28 -0.71
N PRO B 197 -17.81 17.37 -0.09
CA PRO B 197 -16.92 18.46 0.34
C PRO B 197 -15.92 18.11 1.44
N LEU B 198 -16.15 17.03 2.16
CA LEU B 198 -15.33 16.72 3.32
C LEU B 198 -14.17 15.79 3.07
N CYS B 199 -14.16 15.09 1.93
CA CYS B 199 -13.20 14.03 1.73
C CYS B 199 -11.86 14.41 1.18
N ASP B 200 -10.82 13.81 1.77
CA ASP B 200 -9.47 13.86 1.24
C ASP B 200 -9.30 12.69 0.25
N PHE B 201 -9.93 11.53 0.58
CA PHE B 201 -9.91 10.33 -0.23
C PHE B 201 -11.33 9.81 -0.35
N ILE B 202 -11.69 9.27 -1.51
CA ILE B 202 -12.98 8.63 -1.72
C ILE B 202 -12.73 7.27 -2.32
N THR B 203 -13.43 6.26 -1.79
CA THR B 203 -13.37 4.91 -2.31
C THR B 203 -14.78 4.41 -2.51
N VAL B 204 -15.01 3.69 -3.62
CA VAL B 204 -16.33 3.19 -3.97
C VAL B 204 -16.42 1.68 -3.80
N HIS B 205 -17.54 1.23 -3.18
CA HIS B 205 -17.78 -0.17 -2.87
C HIS B 205 -19.25 -0.48 -3.00
N THR B 206 -19.83 -0.06 -4.13
CA THR B 206 -21.22 -0.32 -4.40
C THR B 206 -21.31 -1.38 -5.50
N PRO B 207 -22.49 -2.01 -5.69
CA PRO B 207 -22.66 -2.81 -6.92
C PRO B 207 -22.74 -1.83 -8.11
N LEU B 208 -22.68 -2.35 -9.34
CA LEU B 208 -22.83 -1.51 -10.52
C LEU B 208 -24.29 -1.62 -10.93
N LEU B 209 -25.01 -0.51 -10.77
CA LEU B 209 -26.44 -0.42 -11.07
C LEU B 209 -26.66 0.86 -11.87
N PRO B 210 -27.83 1.04 -12.53
CA PRO B 210 -28.03 2.31 -13.25
C PRO B 210 -27.84 3.52 -12.32
N SER B 211 -28.23 3.39 -11.03
CA SER B 211 -28.11 4.44 -10.03
C SER B 211 -26.67 4.71 -9.55
N THR B 212 -25.72 3.78 -9.80
CA THR B 212 -24.33 3.96 -9.38
C THR B 212 -23.38 4.14 -10.56
N THR B 213 -23.91 4.14 -11.80
CA THR B 213 -23.09 4.33 -12.99
C THR B 213 -22.80 5.84 -13.04
N GLY B 214 -21.52 6.20 -12.97
CA GLY B 214 -21.16 7.60 -12.96
C GLY B 214 -21.52 8.30 -11.66
N LEU B 215 -21.47 7.56 -10.53
CA LEU B 215 -21.67 8.14 -9.21
C LEU B 215 -20.69 9.33 -9.03
N LEU B 216 -19.43 9.15 -9.47
CA LEU B 216 -18.46 10.24 -9.54
C LEU B 216 -18.49 10.69 -11.01
N ASN B 217 -18.99 11.92 -11.25
CA ASN B 217 -19.12 12.48 -12.58
C ASN B 217 -18.68 13.95 -12.55
N ASP B 218 -18.84 14.72 -13.65
CA ASP B 218 -18.38 16.11 -13.62
C ASP B 218 -19.05 16.89 -12.50
N ASN B 219 -20.34 16.62 -12.27
CA ASN B 219 -21.12 17.32 -11.27
C ASN B 219 -20.59 17.04 -9.86
N THR B 220 -20.43 15.76 -9.49
CA THR B 220 -19.98 15.42 -8.15
C THR B 220 -18.48 15.69 -7.94
N PHE B 221 -17.64 15.57 -8.99
CA PHE B 221 -16.24 15.94 -8.83
C PHE B 221 -16.12 17.43 -8.47
N ALA B 222 -16.98 18.30 -9.04
CA ALA B 222 -16.93 19.72 -8.71
C ALA B 222 -17.30 19.98 -7.24
N GLN B 223 -18.05 19.06 -6.63
CA GLN B 223 -18.46 19.18 -5.23
C GLN B 223 -17.38 18.68 -4.26
N CYS B 224 -16.36 18.00 -4.79
CA CYS B 224 -15.27 17.48 -3.97
C CYS B 224 -14.32 18.58 -3.54
N LYS B 225 -13.51 18.30 -2.53
CA LYS B 225 -12.46 19.22 -2.10
C LYS B 225 -11.37 19.15 -3.21
N LYS B 226 -10.80 20.31 -3.63
CA LYS B 226 -9.74 20.34 -4.64
C LYS B 226 -8.57 19.46 -4.19
N GLY B 227 -8.15 18.56 -5.05
CA GLY B 227 -7.05 17.65 -4.74
C GLY B 227 -7.49 16.33 -4.17
N VAL B 228 -8.79 16.00 -4.27
CA VAL B 228 -9.31 14.70 -3.79
C VAL B 228 -8.58 13.54 -4.48
N ARG B 229 -8.39 12.44 -3.76
CA ARG B 229 -7.79 11.22 -4.32
C ARG B 229 -8.89 10.17 -4.36
N VAL B 230 -9.02 9.45 -5.48
CA VAL B 230 -10.13 8.50 -5.69
C VAL B 230 -9.66 7.11 -5.96
N VAL B 231 -10.37 6.11 -5.43
CA VAL B 231 -10.08 4.69 -5.61
C VAL B 231 -11.32 3.97 -6.11
N ASN B 232 -11.12 3.16 -7.16
CA ASN B 232 -12.15 2.26 -7.63
C ASN B 232 -11.58 0.85 -7.82
N CYS B 233 -11.82 -0.01 -6.82
CA CYS B 233 -11.52 -1.43 -6.85
C CYS B 233 -12.82 -2.24 -6.91
N ALA B 234 -13.94 -1.58 -7.22
CA ALA B 234 -15.26 -2.20 -7.23
C ALA B 234 -15.71 -2.63 -8.61
N ARG B 235 -16.26 -1.72 -9.43
CA ARG B 235 -16.77 -2.08 -10.77
C ARG B 235 -16.47 -0.95 -11.74
N GLY B 236 -16.01 -1.28 -12.95
CA GLY B 236 -15.73 -0.27 -13.95
C GLY B 236 -16.98 0.50 -14.33
N GLY B 237 -16.88 1.83 -14.28
CA GLY B 237 -18.03 2.67 -14.60
C GLY B 237 -18.68 3.36 -13.42
N ILE B 238 -18.37 2.96 -12.17
CA ILE B 238 -18.93 3.67 -11.01
C ILE B 238 -18.36 5.09 -11.02
N VAL B 239 -17.05 5.20 -11.37
CA VAL B 239 -16.41 6.49 -11.55
C VAL B 239 -16.46 6.70 -13.07
N ASP B 240 -17.09 7.80 -13.51
CA ASP B 240 -17.15 8.08 -14.95
C ASP B 240 -15.72 8.34 -15.41
N GLU B 241 -15.24 7.54 -16.37
CA GLU B 241 -13.85 7.60 -16.82
C GLU B 241 -13.48 8.92 -17.50
N GLY B 242 -14.41 9.49 -18.28
CA GLY B 242 -14.18 10.78 -18.91
C GLY B 242 -14.12 11.90 -17.88
N ALA B 243 -15.05 11.88 -16.90
CA ALA B 243 -15.07 12.89 -15.84
C ALA B 243 -13.81 12.79 -14.99
N LEU B 244 -13.36 11.56 -14.70
CA LEU B 244 -12.15 11.38 -13.92
C LEU B 244 -10.95 12.00 -14.65
N LEU B 245 -10.82 11.74 -15.97
CA LEU B 245 -9.70 12.30 -16.72
C LEU B 245 -9.74 13.83 -16.68
N ARG B 246 -10.93 14.44 -16.86
CA ARG B 246 -11.05 15.89 -16.81
C ARG B 246 -10.63 16.43 -15.43
N ALA B 247 -11.03 15.75 -14.34
CA ALA B 247 -10.67 16.16 -12.98
C ALA B 247 -9.16 16.01 -12.72
N LEU B 248 -8.51 14.97 -13.31
CA LEU B 248 -7.08 14.81 -13.17
C LEU B 248 -6.35 15.91 -13.93
N GLN B 249 -6.86 16.28 -15.10
CA GLN B 249 -6.23 17.32 -15.91
C GLN B 249 -6.31 18.72 -15.27
N SER B 250 -7.40 19.01 -14.55
CA SER B 250 -7.56 20.33 -13.92
C SER B 250 -6.88 20.41 -12.54
N GLY B 251 -6.65 19.27 -11.92
CA GLY B 251 -6.10 19.21 -10.57
C GLY B 251 -7.20 19.09 -9.53
N GLN B 252 -8.47 19.06 -9.98
CA GLN B 252 -9.60 18.87 -9.06
C GLN B 252 -9.43 17.49 -8.36
N CYS B 253 -8.92 16.50 -9.12
CA CYS B 253 -8.55 15.20 -8.58
C CYS B 253 -7.02 15.15 -8.63
N ALA B 254 -6.36 14.92 -7.49
CA ALA B 254 -4.90 14.86 -7.41
C ALA B 254 -4.32 13.50 -7.76
N GLY B 255 -5.17 12.47 -7.77
CA GLY B 255 -4.72 11.12 -8.08
C GLY B 255 -5.85 10.12 -8.01
N ALA B 256 -5.71 9.02 -8.74
CA ALA B 256 -6.71 7.97 -8.75
C ALA B 256 -6.04 6.61 -8.87
N ALA B 257 -6.68 5.59 -8.31
CA ALA B 257 -6.19 4.21 -8.33
C ALA B 257 -7.30 3.35 -8.84
N LEU B 258 -7.05 2.65 -9.97
CA LEU B 258 -8.08 1.87 -10.65
C LEU B 258 -7.68 0.41 -10.82
N ASP B 259 -8.51 -0.52 -10.35
CA ASP B 259 -8.33 -1.95 -10.54
C ASP B 259 -9.27 -2.43 -11.65
N VAL B 260 -10.30 -1.62 -11.96
CA VAL B 260 -11.38 -2.01 -12.86
C VAL B 260 -11.70 -0.91 -13.84
N PHE B 261 -12.19 -1.28 -15.03
CA PHE B 261 -12.46 -0.36 -16.13
C PHE B 261 -13.75 -0.73 -16.85
N THR B 262 -14.37 0.23 -17.59
CA THR B 262 -15.59 -0.10 -18.36
C THR B 262 -15.31 -1.10 -19.48
N GLU B 263 -14.04 -1.15 -19.95
CA GLU B 263 -13.60 -2.09 -20.94
C GLU B 263 -12.33 -2.71 -20.39
N GLU B 264 -12.29 -4.05 -20.34
CA GLU B 264 -11.10 -4.73 -19.84
C GLU B 264 -10.55 -5.73 -20.87
N PRO B 265 -9.26 -5.61 -21.27
CA PRO B 265 -8.31 -4.53 -20.95
C PRO B 265 -8.80 -3.22 -21.57
N PRO B 266 -8.49 -2.06 -20.96
CA PRO B 266 -8.97 -0.81 -21.55
C PRO B 266 -8.21 -0.48 -22.85
N ARG B 267 -8.93 -0.24 -23.98
CA ARG B 267 -8.27 0.15 -25.24
C ARG B 267 -8.05 1.65 -25.27
N ASP B 268 -8.86 2.41 -24.48
CA ASP B 268 -8.61 3.85 -24.33
C ASP B 268 -7.55 3.93 -23.22
N ARG B 269 -6.42 4.58 -23.51
CA ARG B 269 -5.27 4.59 -22.62
C ARG B 269 -5.06 5.87 -21.82
N ALA B 270 -5.93 6.87 -22.00
CA ALA B 270 -5.82 8.18 -21.37
C ALA B 270 -5.68 8.13 -19.85
N LEU B 271 -6.49 7.28 -19.18
CA LEU B 271 -6.40 7.21 -17.72
C LEU B 271 -5.17 6.49 -17.27
N VAL B 272 -4.92 5.28 -17.82
CA VAL B 272 -3.79 4.47 -17.41
C VAL B 272 -2.49 5.24 -17.57
N ASP B 273 -2.35 5.99 -18.67
CA ASP B 273 -1.15 6.74 -18.97
C ASP B 273 -0.96 8.01 -18.15
N HIS B 274 -1.99 8.49 -17.44
CA HIS B 274 -1.85 9.70 -16.66
C HIS B 274 -0.85 9.56 -15.51
N GLU B 275 0.03 10.56 -15.32
CA GLU B 275 1.07 10.53 -14.29
C GLU B 275 0.56 10.28 -12.86
N ASN B 276 -0.66 10.73 -12.55
CA ASN B 276 -1.26 10.61 -11.22
C ASN B 276 -2.21 9.45 -11.07
N VAL B 277 -2.24 8.54 -12.04
CA VAL B 277 -3.07 7.35 -11.99
C VAL B 277 -2.21 6.13 -11.75
N ILE B 278 -2.63 5.30 -10.78
CA ILE B 278 -2.01 4.03 -10.49
C ILE B 278 -3.06 2.98 -10.83
N SER B 279 -2.63 1.81 -11.29
CA SER B 279 -3.58 0.82 -11.77
C SER B 279 -3.08 -0.59 -11.69
N CYS B 280 -4.01 -1.52 -11.75
CA CYS B 280 -3.76 -2.96 -11.73
C CYS B 280 -4.67 -3.60 -12.75
N PRO B 281 -4.25 -4.77 -13.29
CA PRO B 281 -5.10 -5.48 -14.24
C PRO B 281 -6.16 -6.34 -13.54
N HIS B 282 -7.13 -5.69 -12.85
CA HIS B 282 -8.23 -6.38 -12.17
C HIS B 282 -7.72 -7.48 -11.23
N LEU B 283 -6.93 -7.07 -10.24
CA LEU B 283 -6.31 -7.98 -9.28
C LEU B 283 -7.05 -8.13 -7.95
N GLY B 284 -8.22 -7.52 -7.83
CA GLY B 284 -8.96 -7.52 -6.56
C GLY B 284 -9.13 -8.86 -5.87
N ALA B 285 -9.42 -9.93 -6.66
CA ALA B 285 -9.63 -11.27 -6.14
C ALA B 285 -8.40 -12.16 -6.41
N SER B 286 -7.30 -11.58 -6.89
CA SER B 286 -6.14 -12.36 -7.30
C SER B 286 -5.13 -12.59 -6.18
N THR B 287 -5.57 -13.41 -5.20
CA THR B 287 -4.71 -13.89 -4.13
C THR B 287 -4.89 -15.38 -4.06
N LYS B 288 -3.88 -16.10 -3.56
CA LYS B 288 -3.97 -17.55 -3.41
C LYS B 288 -5.16 -17.90 -2.52
N GLU B 289 -5.37 -17.10 -1.46
CA GLU B 289 -6.41 -17.31 -0.47
C GLU B 289 -7.82 -17.08 -1.01
N ALA B 290 -8.04 -15.99 -1.75
CA ALA B 290 -9.36 -15.71 -2.33
C ALA B 290 -9.69 -16.76 -3.38
N GLN B 291 -8.69 -17.15 -4.19
CA GLN B 291 -8.91 -18.18 -5.19
C GLN B 291 -9.23 -19.52 -4.55
N SER B 292 -8.56 -19.85 -3.42
CA SER B 292 -8.83 -21.09 -2.70
C SER B 292 -10.25 -21.08 -2.13
N ARG B 293 -10.66 -19.94 -1.57
CA ARG B 293 -12.00 -19.80 -1.01
C ARG B 293 -13.10 -19.88 -2.06
N CYS B 294 -12.91 -19.20 -3.20
CA CYS B 294 -13.90 -19.23 -4.28
C CYS B 294 -14.02 -20.63 -4.86
N GLY B 295 -12.88 -21.30 -5.04
CA GLY B 295 -12.86 -22.67 -5.56
C GLY B 295 -13.59 -23.62 -4.65
N GLU B 296 -13.41 -23.46 -3.33
CA GLU B 296 -14.08 -24.30 -2.33
C GLU B 296 -15.59 -24.03 -2.33
N GLU B 297 -15.97 -22.75 -2.27
CA GLU B 297 -17.37 -22.32 -2.19
C GLU B 297 -18.20 -22.76 -3.39
N ILE B 298 -17.61 -22.76 -4.60
CA ILE B 298 -18.37 -23.20 -5.77
C ILE B 298 -18.51 -24.72 -5.81
N ALA B 299 -17.44 -25.45 -5.46
CA ALA B 299 -17.45 -26.92 -5.48
C ALA B 299 -18.41 -27.49 -4.43
N VAL B 300 -18.46 -26.89 -3.22
CA VAL B 300 -19.38 -27.32 -2.15
C VAL B 300 -20.84 -27.17 -2.66
N GLN B 301 -21.16 -26.07 -3.38
CA GLN B 301 -22.48 -25.82 -3.97
C GLN B 301 -22.88 -26.89 -4.99
N PHE B 302 -21.93 -27.36 -5.81
CA PHE B 302 -22.18 -28.42 -6.80
C PHE B 302 -22.44 -29.74 -6.10
N VAL B 303 -21.66 -30.05 -5.04
CA VAL B 303 -21.82 -31.28 -4.27
C VAL B 303 -23.15 -31.26 -3.52
N ASP B 304 -23.57 -30.07 -3.00
CA ASP B 304 -24.85 -29.88 -2.31
C ASP B 304 -26.01 -30.18 -3.27
N MET B 305 -25.88 -29.78 -4.56
CA MET B 305 -26.87 -30.04 -5.61
C MET B 305 -27.02 -31.56 -5.86
N VAL B 306 -25.89 -32.30 -5.87
CA VAL B 306 -25.84 -33.76 -6.05
C VAL B 306 -26.61 -34.46 -4.91
#